data_7DZZ
#
_entry.id   7DZZ
#
_cell.length_a   106.664
_cell.length_b   106.664
_cell.length_c   143.893
_cell.angle_alpha   90.000
_cell.angle_beta   90.000
_cell.angle_gamma   90.000
#
_symmetry.space_group_name_H-M   'P 41 21 2'
#
loop_
_entity.id
_entity.type
_entity.pdbx_description
1 polymer 'Phytanoyl-CoA dioxygenase'
2 non-polymer PROLINE
3 non-polymer 'SUCCINIC ACID'
4 non-polymer 'OXYGEN ATOM'
5 water water
#
_entity_poly.entity_id   1
_entity_poly.type   'polypeptide(L)'
_entity_poly.pdbx_seq_one_letter_code
;QIMEPHDTLSPAQVDEYRKNGFLVQEHVFDEEEIELLRAEAAQEFASGGERVTVEQNTGIVRGVHGCHLYSEVFGRLVRS
PRLLPIARQLLRDDVYVHQFKINAKRAFKGEVWEWHQDYTFWHHEDGMPAPRALSAAIFLDEVTEFNGPLTFVPGGHGSG
MIDADVKGEGWANTLTASLKYSLDVETMRGLIERNGMVAPKGPRGSVLWFDANIPHSSVPNISPFDRGLVLITYNSVENK
TDVTRGTRPEWLAARDFTPLTALQATSF
;
_entity_poly.pdbx_strand_id   A,B
#
loop_
_chem_comp.id
_chem_comp.type
_chem_comp.name
_chem_comp.formula
O non-polymer 'OXYGEN ATOM' O
SIN non-polymer 'SUCCINIC ACID' 'C4 H6 O4'
#
# COMPACT_ATOMS: atom_id res chain seq x y z
N GLN A 1 -1.18 -20.56 6.58
CA GLN A 1 0.20 -20.13 6.29
C GLN A 1 0.30 -18.60 6.40
N ILE A 2 1.50 -18.11 6.56
CA ILE A 2 1.74 -16.73 7.02
C ILE A 2 2.89 -16.12 6.20
N MET A 3 2.63 -14.98 5.56
CA MET A 3 3.69 -14.09 5.11
C MET A 3 3.99 -13.14 6.25
N GLU A 4 5.25 -12.84 6.47
CA GLU A 4 5.59 -11.82 7.44
C GLU A 4 4.92 -10.50 7.12
N PRO A 5 4.43 -9.80 8.13
CA PRO A 5 3.76 -8.51 7.87
C PRO A 5 4.68 -7.54 7.11
N HIS A 6 4.11 -6.75 6.21
CA HIS A 6 4.90 -5.94 5.30
C HIS A 6 5.80 -5.00 6.11
N ASP A 7 7.06 -4.90 5.70
CA ASP A 7 8.05 -4.04 6.37
C ASP A 7 8.25 -2.91 5.43
N THR A 8 8.19 -1.70 5.93
CA THR A 8 8.53 -0.53 5.10
C THR A 8 9.80 0.12 5.60
N LEU A 9 10.33 1.08 4.85
CA LEU A 9 11.53 1.77 5.24
C LEU A 9 11.27 2.71 6.44
N SER A 10 12.27 2.91 7.30
CA SER A 10 12.14 3.87 8.41
C SER A 10 12.11 5.28 7.85
N PRO A 11 11.62 6.26 8.63
CA PRO A 11 11.81 7.66 8.17
C PRO A 11 13.26 8.07 7.83
N ALA A 12 14.25 7.57 8.57
CA ALA A 12 15.65 7.93 8.26
C ALA A 12 16.06 7.32 6.93
N GLN A 13 15.63 6.07 6.73
CA GLN A 13 15.89 5.40 5.46
C GLN A 13 15.30 6.14 4.30
N VAL A 14 14.05 6.58 4.47
CA VAL A 14 13.38 7.29 3.40
C VAL A 14 14.17 8.58 3.09
N ASP A 15 14.53 9.28 4.15
CA ASP A 15 15.36 10.55 4.05
C ASP A 15 16.68 10.37 3.33
N GLU A 16 17.38 9.29 3.69
CA GLU A 16 18.63 8.91 3.01
C GLU A 16 18.39 8.61 1.56
N TYR A 17 17.33 7.83 1.24
CA TYR A 17 16.97 7.57 -0.17
C TYR A 17 16.72 8.88 -0.91
N ARG A 18 15.96 9.79 -0.30
CA ARG A 18 15.61 11.10 -0.94
C ARG A 18 16.83 12.04 -1.18
N LYS A 19 17.68 12.12 -0.16
CA LYS A 19 18.96 12.89 -0.19
C LYS A 19 19.93 12.34 -1.22
N ASN A 20 20.33 11.08 -1.04
CA ASN A 20 21.33 10.43 -1.91
C ASN A 20 20.85 9.95 -3.20
N GLY A 21 19.54 9.57 -3.29
CA GLY A 21 19.09 9.03 -4.57
C GLY A 21 19.26 7.47 -4.62
N PHE A 22 19.70 6.87 -3.53
CA PHE A 22 19.93 5.38 -3.48
C PHE A 22 20.01 4.94 -2.06
N LEU A 23 19.81 3.64 -1.85
CA LEU A 23 19.79 3.07 -0.56
C LEU A 23 19.92 1.55 -0.62
N VAL A 24 20.73 0.96 0.29
CA VAL A 24 20.98 -0.49 0.36
C VAL A 24 20.29 -1.09 1.56
N GLN A 25 19.56 -2.18 1.37
CA GLN A 25 19.08 -3.05 2.49
C GLN A 25 19.83 -4.37 2.31
N GLU A 26 20.52 -4.82 3.36
CA GLU A 26 21.34 -6.00 3.28
C GLU A 26 20.54 -7.26 3.59
N HIS A 27 20.83 -8.41 2.97
CA HIS A 27 20.20 -9.66 3.39
C HIS A 27 18.66 -9.64 3.37
N VAL A 28 18.12 -9.08 2.28
CA VAL A 28 16.66 -9.11 2.09
C VAL A 28 16.21 -10.58 1.80
N PHE A 29 16.92 -11.22 0.89
CA PHE A 29 16.68 -12.60 0.51
C PHE A 29 17.80 -13.51 1.01
N ASP A 30 17.44 -14.72 1.41
CA ASP A 30 18.43 -15.65 1.92
C ASP A 30 19.05 -16.39 0.77
N GLU A 31 20.06 -17.20 1.12
CA GLU A 31 20.81 -17.96 0.11
C GLU A 31 19.97 -18.86 -0.71
N GLU A 32 19.02 -19.56 -0.09
CA GLU A 32 18.17 -20.48 -0.85
C GLU A 32 17.31 -19.71 -1.88
N GLU A 33 16.81 -18.55 -1.46
CA GLU A 33 16.05 -17.69 -2.35
C GLU A 33 16.90 -17.20 -3.49
N ILE A 34 18.11 -16.72 -3.17
CA ILE A 34 19.00 -16.30 -4.19
C ILE A 34 19.36 -17.35 -5.18
N GLU A 35 19.61 -18.56 -4.68
CA GLU A 35 19.90 -19.67 -5.60
C GLU A 35 18.73 -19.97 -6.56
N LEU A 36 17.48 -19.89 -6.08
CA LEU A 36 16.34 -19.99 -6.94
C LEU A 36 16.32 -18.94 -8.00
N LEU A 37 16.66 -17.73 -7.61
CA LEU A 37 16.68 -16.66 -8.59
C LEU A 37 17.82 -16.75 -9.65
N ARG A 38 18.98 -17.16 -9.21
CA ARG A 38 20.09 -17.48 -10.10
C ARG A 38 19.75 -18.56 -11.10
N ALA A 39 19.16 -19.68 -10.65
CA ALA A 39 18.73 -20.71 -11.56
C ALA A 39 17.77 -20.18 -12.60
N GLU A 40 16.82 -19.33 -12.19
CA GLU A 40 15.88 -18.84 -13.15
C GLU A 40 16.57 -17.82 -14.07
N ALA A 41 17.53 -17.10 -13.56
CA ALA A 41 18.24 -16.14 -14.42
C ALA A 41 18.94 -16.93 -15.52
N ALA A 42 19.55 -18.03 -15.11
CA ALA A 42 20.22 -18.91 -16.08
C ALA A 42 19.22 -19.43 -17.13
N GLN A 43 18.01 -19.79 -16.74
CA GLN A 43 17.00 -20.26 -17.69
C GLN A 43 16.68 -19.16 -18.72
N GLU A 44 16.51 -17.94 -18.20
CA GLU A 44 16.15 -16.77 -19.02
C GLU A 44 17.27 -16.42 -19.98
N PHE A 45 18.51 -16.46 -19.51
CA PHE A 45 19.65 -16.24 -20.42
C PHE A 45 19.67 -17.30 -21.52
N ALA A 46 19.36 -18.53 -21.19
CA ALA A 46 19.47 -19.59 -22.18
C ALA A 46 18.30 -19.58 -23.15
N SER A 47 17.15 -19.05 -22.78
CA SER A 47 15.98 -19.25 -23.64
C SER A 47 15.27 -17.94 -24.04
N GLY A 48 15.84 -16.80 -23.71
CA GLY A 48 15.25 -15.54 -23.99
C GLY A 48 15.09 -15.04 -25.42
N GLY A 49 15.83 -15.62 -26.38
CA GLY A 49 15.77 -15.21 -27.81
C GLY A 49 16.23 -13.77 -27.98
N GLU A 50 15.44 -13.00 -28.72
CA GLU A 50 15.71 -11.58 -28.93
C GLU A 50 15.72 -10.70 -27.65
N ARG A 51 15.32 -11.24 -26.50
CA ARG A 51 15.35 -10.46 -25.22
C ARG A 51 16.69 -10.47 -24.55
N VAL A 52 17.61 -11.31 -25.06
CA VAL A 52 18.98 -11.34 -24.57
C VAL A 52 19.86 -10.36 -25.36
N THR A 53 20.72 -9.65 -24.67
CA THR A 53 21.78 -8.84 -25.21
C THR A 53 23.16 -9.52 -25.04
N VAL A 54 24.02 -9.44 -26.07
CA VAL A 54 25.37 -10.10 -26.04
C VAL A 54 26.57 -9.15 -25.95
N VAL A 61 26.71 -13.08 -23.08
CA VAL A 61 25.49 -12.55 -22.43
C VAL A 61 25.77 -11.30 -21.56
N ARG A 62 25.24 -10.16 -21.99
CA ARG A 62 25.34 -8.88 -21.27
C ARG A 62 24.10 -8.66 -20.36
N GLY A 63 22.92 -8.84 -20.96
CA GLY A 63 21.64 -8.73 -20.25
C GLY A 63 20.51 -9.58 -20.79
N VAL A 64 19.47 -9.74 -19.98
CA VAL A 64 18.22 -10.21 -20.49
C VAL A 64 17.07 -9.27 -19.98
N HIS A 65 16.02 -9.05 -20.78
CA HIS A 65 15.01 -8.07 -20.47
C HIS A 65 13.58 -8.68 -20.40
N GLY A 66 12.73 -8.14 -19.49
CA GLY A 66 11.31 -8.43 -19.58
C GLY A 66 10.89 -9.73 -18.92
N CYS A 67 11.81 -10.31 -18.14
CA CYS A 67 11.57 -11.67 -17.62
C CYS A 67 10.34 -11.92 -16.79
N HIS A 68 9.89 -10.88 -16.08
CA HIS A 68 8.67 -11.01 -15.31
C HIS A 68 7.45 -11.26 -16.17
N LEU A 69 7.47 -10.96 -17.44
CA LEU A 69 6.35 -11.28 -18.31
C LEU A 69 6.37 -12.71 -18.83
N TYR A 70 7.47 -13.39 -18.68
CA TYR A 70 7.64 -14.73 -19.25
C TYR A 70 7.94 -15.79 -18.21
N SER A 71 8.49 -15.41 -17.06
CA SER A 71 8.78 -16.38 -16.02
C SER A 71 7.87 -16.22 -14.87
N GLU A 72 7.32 -17.34 -14.43
CA GLU A 72 6.48 -17.28 -13.28
C GLU A 72 7.17 -16.89 -12.01
N VAL A 73 8.36 -17.41 -11.79
CA VAL A 73 9.17 -17.06 -10.62
C VAL A 73 9.41 -15.53 -10.64
N PHE A 74 9.80 -14.99 -11.80
CA PHE A 74 10.05 -13.53 -11.83
C PHE A 74 8.80 -12.69 -11.68
N GLY A 75 7.70 -13.20 -12.23
CA GLY A 75 6.36 -12.57 -12.05
C GLY A 75 5.98 -12.52 -10.63
N ARG A 76 6.30 -13.60 -9.87
CA ARG A 76 6.02 -13.55 -8.46
C ARG A 76 7.00 -12.62 -7.69
N LEU A 77 8.26 -12.66 -8.06
CA LEU A 77 9.23 -11.76 -7.41
C LEU A 77 8.86 -10.29 -7.33
N VAL A 78 8.33 -9.71 -8.40
CA VAL A 78 8.05 -8.33 -8.43
C VAL A 78 6.86 -7.99 -7.48
N ARG A 79 6.11 -9.01 -7.08
CA ARG A 79 4.98 -8.83 -6.18
C ARG A 79 5.42 -9.18 -4.77
N SER A 80 6.70 -9.43 -4.55
CA SER A 80 7.14 -9.95 -3.21
C SER A 80 6.83 -8.96 -2.11
N PRO A 81 6.48 -9.45 -0.94
CA PRO A 81 6.25 -8.55 0.17
C PRO A 81 7.53 -7.95 0.70
N ARG A 82 8.68 -8.39 0.25
CA ARG A 82 9.91 -7.70 0.59
C ARG A 82 10.14 -6.49 -0.25
N LEU A 83 9.45 -6.40 -1.41
CA LEU A 83 9.73 -5.36 -2.42
C LEU A 83 8.58 -4.42 -2.63
N LEU A 84 7.39 -4.97 -2.88
CA LEU A 84 6.28 -4.18 -3.30
C LEU A 84 5.88 -3.11 -2.28
N PRO A 85 5.85 -3.43 -1.00
CA PRO A 85 5.53 -2.35 -0.07
C PRO A 85 6.45 -1.11 -0.02
N ILE A 86 7.72 -1.32 -0.22
CA ILE A 86 8.68 -0.26 -0.21
C ILE A 86 8.53 0.53 -1.51
N ALA A 87 8.35 -0.13 -2.68
CA ALA A 87 8.09 0.59 -3.89
C ALA A 87 6.83 1.53 -3.77
N ARG A 88 5.75 0.96 -3.27
CA ARG A 88 4.59 1.79 -2.93
C ARG A 88 4.83 2.99 -2.00
N GLN A 89 5.61 2.73 -0.96
CA GLN A 89 5.92 3.72 0.03
C GLN A 89 6.78 4.80 -0.63
N LEU A 90 7.82 4.43 -1.37
CA LEU A 90 8.68 5.45 -1.92
C LEU A 90 8.03 6.24 -3.04
N LEU A 91 7.23 5.58 -3.86
CA LEU A 91 6.62 6.32 -4.94
C LEU A 91 5.28 6.96 -4.51
N ARG A 92 4.82 6.63 -3.32
CA ARG A 92 3.55 7.14 -2.77
C ARG A 92 2.40 6.90 -3.74
N ASP A 93 2.26 5.68 -4.24
CA ASP A 93 1.21 5.33 -5.18
C ASP A 93 1.18 3.82 -5.21
N ASP A 94 0.16 3.29 -5.86
CA ASP A 94 0.27 1.97 -6.42
C ASP A 94 1.35 2.01 -7.53
N VAL A 95 1.89 0.85 -7.84
CA VAL A 95 3.03 0.70 -8.77
C VAL A 95 2.86 -0.48 -9.65
N TYR A 96 3.58 -0.48 -10.76
CA TYR A 96 3.62 -1.54 -11.68
C TYR A 96 5.13 -1.59 -12.17
N VAL A 97 5.48 -2.64 -12.85
CA VAL A 97 6.86 -2.78 -13.35
C VAL A 97 7.00 -2.19 -14.71
N HIS A 98 7.81 -1.13 -14.82
CA HIS A 98 8.08 -0.48 -16.11
C HIS A 98 9.06 -1.35 -16.92
N GLN A 99 10.09 -1.81 -16.24
CA GLN A 99 11.17 -2.60 -16.89
C GLN A 99 11.78 -3.57 -15.89
N PHE A 100 12.22 -4.72 -16.42
CA PHE A 100 12.81 -5.82 -15.66
C PHE A 100 14.07 -6.25 -16.49
N LYS A 101 15.20 -6.31 -15.83
CA LYS A 101 16.38 -6.83 -16.56
C LYS A 101 17.35 -7.47 -15.62
N ILE A 102 18.07 -8.43 -16.17
CA ILE A 102 19.13 -9.06 -15.41
C ILE A 102 20.41 -8.75 -16.19
N ASN A 103 21.37 -8.12 -15.52
CA ASN A 103 22.63 -7.67 -16.08
C ASN A 103 23.69 -8.52 -15.37
N ALA A 104 24.16 -9.52 -16.12
CA ALA A 104 25.24 -10.40 -15.65
C ALA A 104 26.54 -9.72 -16.03
N LYS A 105 27.14 -9.01 -15.08
CA LYS A 105 28.44 -8.35 -15.27
C LYS A 105 29.47 -9.45 -15.05
N ARG A 106 29.83 -10.13 -16.14
CA ARG A 106 30.58 -11.40 -16.09
C ARG A 106 32.04 -11.24 -15.58
N ALA A 107 32.44 -12.17 -14.71
CA ALA A 107 33.78 -12.26 -14.06
C ALA A 107 35.09 -11.81 -14.77
N PHE A 108 35.34 -12.25 -15.99
CA PHE A 108 36.58 -11.85 -16.68
C PHE A 108 36.26 -10.68 -17.64
N LYS A 109 35.30 -10.90 -18.53
CA LYS A 109 35.06 -10.07 -19.69
C LYS A 109 33.80 -9.16 -19.62
N GLY A 110 33.36 -8.74 -18.42
CA GLY A 110 32.16 -7.90 -18.29
C GLY A 110 32.37 -6.43 -18.70
N GLU A 111 31.60 -5.94 -19.67
CA GLU A 111 31.81 -4.61 -20.33
C GLU A 111 31.34 -3.37 -19.44
N VAL A 112 31.59 -2.15 -19.92
CA VAL A 112 31.19 -0.91 -19.18
C VAL A 112 29.64 -0.71 -19.26
N TRP A 113 29.10 0.07 -18.34
CA TRP A 113 27.87 0.84 -18.57
C TRP A 113 28.32 2.29 -18.42
N GLU A 114 28.38 3.07 -19.51
CA GLU A 114 28.79 4.52 -19.40
C GLU A 114 27.76 5.30 -18.56
N TRP A 115 28.09 6.52 -18.13
CA TRP A 115 27.19 7.29 -17.28
C TRP A 115 25.85 7.62 -17.92
N HIS A 116 24.76 7.44 -17.15
CA HIS A 116 23.42 7.71 -17.61
C HIS A 116 22.48 7.92 -16.44
N GLN A 117 21.37 8.55 -16.77
CA GLN A 117 20.16 8.64 -15.91
C GLN A 117 19.10 7.81 -16.66
N ASP A 118 18.58 6.78 -15.99
CA ASP A 118 17.54 5.93 -16.58
C ASP A 118 16.38 6.80 -17.07
N TYR A 119 16.03 7.83 -16.33
CA TYR A 119 14.81 8.60 -16.65
C TYR A 119 14.91 9.26 -18.04
N THR A 120 16.13 9.65 -18.40
CA THR A 120 16.38 10.21 -19.72
C THR A 120 15.99 9.28 -20.83
N PHE A 121 16.30 8.00 -20.68
CA PHE A 121 15.90 6.99 -21.61
C PHE A 121 14.39 6.82 -21.58
N TRP A 122 13.86 6.69 -20.38
CA TRP A 122 12.43 6.32 -20.27
C TRP A 122 11.49 7.43 -20.75
N HIS A 123 11.89 8.66 -20.43
CA HIS A 123 11.20 9.87 -20.96
C HIS A 123 11.21 9.86 -22.47
N HIS A 124 12.39 9.72 -23.09
CA HIS A 124 12.50 9.94 -24.54
C HIS A 124 12.12 8.73 -25.31
N GLU A 125 12.48 7.52 -24.85
CA GLU A 125 12.09 6.33 -25.59
C GLU A 125 10.67 5.90 -25.35
N ASP A 126 10.19 6.07 -24.11
CA ASP A 126 8.93 5.37 -23.70
C ASP A 126 7.81 6.31 -23.32
N GLY A 127 8.07 7.61 -23.30
CA GLY A 127 7.10 8.61 -22.92
C GLY A 127 6.69 8.60 -21.46
N MET A 128 7.66 8.38 -20.55
CA MET A 128 7.42 8.47 -19.13
C MET A 128 7.37 9.95 -18.85
N PRO A 129 6.29 10.45 -18.20
CA PRO A 129 6.13 11.91 -17.99
C PRO A 129 6.87 12.58 -16.88
N ALA A 130 7.24 11.89 -15.81
CA ALA A 130 8.01 12.46 -14.74
C ALA A 130 8.91 11.38 -14.17
N PRO A 131 9.92 11.76 -13.39
CA PRO A 131 10.79 10.74 -12.85
C PRO A 131 10.22 10.05 -11.60
N ARG A 132 8.93 9.71 -11.56
CA ARG A 132 8.35 9.11 -10.37
C ARG A 132 8.44 7.56 -10.44
N ALA A 133 9.68 7.05 -10.50
CA ALA A 133 10.01 5.68 -10.70
C ALA A 133 11.33 5.41 -9.95
N LEU A 134 11.62 4.13 -9.76
CA LEU A 134 12.80 3.67 -9.05
C LEU A 134 13.15 2.26 -9.47
N SER A 135 14.37 1.84 -9.19
CA SER A 135 14.77 0.50 -9.47
C SER A 135 15.23 -0.14 -8.17
N ALA A 136 14.93 -1.45 -8.07
CA ALA A 136 15.42 -2.31 -7.01
C ALA A 136 16.34 -3.29 -7.67
N ALA A 137 17.60 -3.26 -7.22
CA ALA A 137 18.63 -4.14 -7.77
C ALA A 137 18.95 -5.21 -6.72
N ILE A 138 18.55 -6.44 -7.04
CA ILE A 138 18.82 -7.59 -6.14
C ILE A 138 20.24 -8.14 -6.46
N PHE A 139 21.03 -8.31 -5.43
CA PHE A 139 22.42 -8.79 -5.57
C PHE A 139 22.43 -10.34 -5.61
N LEU A 140 22.64 -10.91 -6.77
CA LEU A 140 22.76 -12.36 -6.88
C LEU A 140 24.15 -12.84 -6.42
N ASP A 141 25.12 -11.93 -6.42
CA ASP A 141 26.46 -12.19 -5.86
C ASP A 141 26.79 -11.06 -4.92
N GLU A 142 27.75 -11.27 -4.04
CA GLU A 142 28.36 -10.15 -3.27
C GLU A 142 28.83 -9.09 -4.18
N VAL A 143 28.56 -7.85 -3.80
CA VAL A 143 29.05 -6.71 -4.58
C VAL A 143 30.22 -6.04 -3.74
N THR A 144 31.40 -5.95 -4.37
CA THR A 144 32.63 -5.38 -3.70
C THR A 144 33.16 -4.22 -4.51
N GLU A 145 34.28 -3.66 -4.05
CA GLU A 145 35.03 -2.73 -4.93
C GLU A 145 35.47 -3.33 -6.27
N PHE A 146 35.70 -4.65 -6.34
CA PHE A 146 36.42 -5.23 -7.49
C PHE A 146 35.64 -5.87 -8.61
N ASN A 147 34.35 -6.10 -8.38
CA ASN A 147 33.53 -6.75 -9.42
C ASN A 147 32.62 -5.81 -10.24
N GLY A 148 33.03 -4.54 -10.34
CA GLY A 148 32.31 -3.53 -11.11
C GLY A 148 30.96 -3.09 -10.51
N PRO A 149 30.95 -2.64 -9.24
CA PRO A 149 29.71 -2.18 -8.63
C PRO A 149 28.99 -1.06 -9.40
N LEU A 150 27.65 -1.04 -9.33
CA LEU A 150 26.92 0.17 -9.68
C LEU A 150 27.49 1.35 -8.98
N THR A 151 27.80 2.40 -9.76
CA THR A 151 28.32 3.61 -9.14
C THR A 151 27.49 4.83 -9.51
N PHE A 152 27.24 5.63 -8.48
CA PHE A 152 26.31 6.78 -8.49
C PHE A 152 27.03 8.12 -8.15
N VAL A 153 26.47 9.23 -8.64
CA VAL A 153 26.76 10.55 -8.01
C VAL A 153 25.69 10.86 -7.02
N PRO A 154 25.97 10.81 -5.71
CA PRO A 154 24.84 11.03 -4.83
C PRO A 154 24.32 12.46 -4.79
N GLY A 155 23.01 12.59 -4.66
CA GLY A 155 22.34 13.86 -4.80
C GLY A 155 22.16 14.27 -6.26
N GLY A 156 22.67 13.53 -7.21
CA GLY A 156 22.66 13.99 -8.58
C GLY A 156 21.35 13.92 -9.33
N HIS A 157 20.39 13.29 -8.68
CA HIS A 157 19.03 13.21 -9.14
C HIS A 157 18.26 14.51 -8.98
N GLY A 158 18.73 15.42 -8.13
CA GLY A 158 17.98 16.63 -7.81
C GLY A 158 18.19 17.82 -8.74
N SER A 159 18.84 17.59 -9.87
CA SER A 159 18.94 18.58 -10.91
C SER A 159 17.94 18.29 -12.05
N GLY A 160 17.06 17.30 -11.85
CA GLY A 160 16.35 16.70 -12.98
C GLY A 160 17.30 16.00 -13.99
N MET A 161 16.76 15.74 -15.18
CA MET A 161 17.54 15.36 -16.36
C MET A 161 18.64 16.36 -16.63
N ILE A 162 19.62 15.91 -17.42
CA ILE A 162 20.73 16.75 -17.88
C ILE A 162 21.15 16.23 -19.26
N ASP A 163 21.58 17.11 -20.15
CA ASP A 163 21.64 16.75 -21.58
C ASP A 163 22.68 15.69 -21.95
N ALA A 164 22.34 15.01 -23.03
CA ALA A 164 23.06 13.85 -23.50
C ALA A 164 22.81 13.79 -24.99
N ASP A 165 23.84 13.49 -25.75
CA ASP A 165 23.70 13.43 -27.19
C ASP A 165 23.13 12.07 -27.59
N VAL A 166 22.41 12.06 -28.70
CA VAL A 166 21.61 10.93 -29.17
C VAL A 166 22.25 10.32 -30.43
N LYS A 167 22.13 9.01 -30.64
CA LYS A 167 22.40 8.36 -31.95
C LYS A 167 21.65 7.05 -32.11
N GLY A 168 21.23 6.94 -33.35
CA GLY A 168 20.43 5.88 -33.83
C GLY A 168 19.03 6.47 -33.91
N GLU A 169 18.32 6.00 -34.90
CA GLU A 169 16.91 6.30 -35.06
C GLU A 169 16.28 4.92 -34.81
N GLY A 170 16.63 4.35 -33.68
CA GLY A 170 16.25 3.05 -33.24
C GLY A 170 16.51 2.97 -31.76
N TRP A 171 16.09 1.85 -31.26
CA TRP A 171 16.21 1.54 -29.82
C TRP A 171 17.36 0.58 -29.49
N ALA A 172 17.92 -0.05 -30.55
CA ALA A 172 19.01 -1.05 -30.48
C ALA A 172 20.22 -0.72 -29.56
N ASN A 173 20.63 0.55 -29.55
CA ASN A 173 21.78 0.99 -28.74
C ASN A 173 21.41 1.55 -27.32
N THR A 174 20.17 1.31 -26.88
CA THR A 174 19.71 1.72 -25.51
C THR A 174 20.31 0.88 -24.32
N LEU A 175 20.78 -0.33 -24.60
CA LEU A 175 21.27 -1.21 -23.54
C LEU A 175 22.60 -1.87 -23.98
N THR A 176 23.46 -1.09 -24.70
CA THR A 176 24.84 -1.49 -25.07
C THR A 176 25.92 -0.77 -24.21
N ALA A 177 27.18 -1.17 -24.41
CA ALA A 177 28.34 -0.55 -23.74
C ALA A 177 28.43 0.93 -24.13
N SER A 178 28.13 1.15 -25.41
CA SER A 178 27.91 2.46 -26.00
C SER A 178 26.40 2.87 -25.95
N LEU A 179 26.08 3.77 -25.00
CA LEU A 179 24.70 4.21 -24.70
C LEU A 179 24.15 5.36 -25.55
N LYS A 180 22.88 5.24 -25.96
CA LYS A 180 22.17 6.28 -26.73
C LYS A 180 22.16 7.69 -26.10
N TYR A 181 22.08 7.76 -24.79
CA TYR A 181 21.95 9.01 -24.02
C TYR A 181 22.99 8.94 -22.88
N SER A 182 24.27 8.99 -23.21
CA SER A 182 25.27 9.13 -22.16
C SER A 182 25.57 10.59 -21.86
N LEU A 183 26.07 10.80 -20.64
CA LEU A 183 26.53 12.08 -20.17
C LEU A 183 28.04 12.26 -20.48
N ASP A 184 28.37 13.38 -21.18
CA ASP A 184 29.76 13.71 -21.59
C ASP A 184 30.76 13.99 -20.43
N VAL A 185 32.07 13.90 -20.72
CA VAL A 185 33.13 14.03 -19.69
C VAL A 185 33.00 15.35 -18.89
N GLU A 186 32.73 16.46 -19.59
CA GLU A 186 32.67 17.80 -18.95
C GLU A 186 31.56 17.88 -17.92
N THR A 187 30.37 17.47 -18.38
CA THR A 187 29.16 17.58 -17.58
C THR A 187 29.29 16.68 -16.34
N MET A 188 29.81 15.47 -16.54
CA MET A 188 30.15 14.57 -15.41
C MET A 188 31.24 15.12 -14.49
N ARG A 189 32.30 15.70 -15.06
CA ARG A 189 33.40 16.26 -14.26
C ARG A 189 32.80 17.24 -13.27
N GLY A 190 31.90 18.09 -13.81
CA GLY A 190 31.18 19.06 -12.96
C GLY A 190 30.49 18.37 -11.81
N LEU A 191 29.68 17.38 -12.19
CA LEU A 191 28.85 16.62 -11.21
C LEU A 191 29.70 15.96 -10.14
N ILE A 192 30.72 15.27 -10.65
CA ILE A 192 31.62 14.57 -9.76
C ILE A 192 32.41 15.58 -8.89
N GLU A 193 32.89 16.69 -9.48
CA GLU A 193 33.67 17.63 -8.67
C GLU A 193 32.81 18.11 -7.47
N ARG A 194 31.54 18.47 -7.71
CA ARG A 194 30.67 18.93 -6.60
C ARG A 194 30.20 17.85 -5.61
N ASN A 195 29.84 16.66 -6.11
CA ASN A 195 29.04 15.72 -5.28
C ASN A 195 29.69 14.45 -4.76
N GLY A 196 30.67 13.93 -5.49
CA GLY A 196 31.30 12.69 -5.11
C GLY A 196 30.94 11.61 -6.12
N MET A 197 31.48 10.42 -5.83
CA MET A 197 31.10 9.15 -6.44
C MET A 197 30.94 8.22 -5.26
N VAL A 198 29.98 7.28 -5.36
CA VAL A 198 29.75 6.22 -4.38
C VAL A 198 29.28 4.97 -5.12
N ALA A 199 29.87 3.85 -4.71
CA ALA A 199 29.64 2.53 -5.27
C ALA A 199 29.22 1.72 -4.09
N PRO A 200 27.91 1.65 -3.82
CA PRO A 200 27.47 0.98 -2.59
C PRO A 200 27.69 -0.50 -2.72
N LYS A 201 27.93 -1.13 -1.59
CA LYS A 201 28.49 -2.51 -1.53
C LYS A 201 27.47 -3.35 -0.80
N GLY A 202 27.54 -4.69 -0.96
CA GLY A 202 26.72 -5.51 -0.07
C GLY A 202 26.76 -7.01 -0.32
N PRO A 203 26.24 -7.74 0.66
CA PRO A 203 26.22 -9.20 0.52
C PRO A 203 25.17 -9.66 -0.46
N ARG A 204 25.42 -10.83 -1.02
CA ARG A 204 24.36 -11.63 -1.63
C ARG A 204 23.00 -11.53 -0.94
N GLY A 205 21.98 -11.17 -1.71
CA GLY A 205 20.65 -11.12 -1.15
C GLY A 205 20.24 -9.73 -0.77
N SER A 206 21.14 -8.77 -0.92
CA SER A 206 20.79 -7.44 -0.63
C SER A 206 19.96 -6.81 -1.75
N VAL A 207 19.27 -5.74 -1.42
CA VAL A 207 18.58 -4.89 -2.41
C VAL A 207 19.11 -3.47 -2.38
N LEU A 208 19.47 -2.97 -3.54
CA LEU A 208 19.89 -1.58 -3.75
C LEU A 208 18.77 -0.85 -4.45
N TRP A 209 18.17 0.10 -3.78
CA TRP A 209 17.03 0.89 -4.32
C TRP A 209 17.66 2.15 -4.92
N PHE A 210 17.33 2.52 -6.14
CA PHE A 210 17.84 3.77 -6.71
C PHE A 210 16.87 4.54 -7.60
N ASP A 211 16.99 5.88 -7.56
CA ASP A 211 16.07 6.81 -8.23
C ASP A 211 16.15 6.79 -9.69
N ALA A 212 15.01 6.95 -10.38
CA ALA A 212 15.03 6.88 -11.86
C ALA A 212 16.03 7.93 -12.48
N ASN A 213 16.23 9.02 -11.75
CA ASN A 213 17.05 10.16 -12.22
C ASN A 213 18.43 10.28 -11.68
N ILE A 214 18.86 9.36 -10.80
CA ILE A 214 20.27 9.42 -10.36
C ILE A 214 21.29 9.02 -11.44
N PRO A 215 22.29 9.88 -11.71
CA PRO A 215 23.30 9.40 -12.69
C PRO A 215 24.10 8.18 -12.16
N HIS A 216 24.32 7.19 -13.00
CA HIS A 216 25.09 6.05 -12.55
C HIS A 216 25.82 5.40 -13.69
N SER A 217 26.72 4.51 -13.30
CA SER A 217 27.63 3.82 -14.18
C SER A 217 28.13 2.53 -13.54
N SER A 218 28.89 1.75 -14.28
CA SER A 218 29.70 0.68 -13.62
C SER A 218 30.98 0.36 -14.43
N VAL A 219 32.08 0.04 -13.73
CA VAL A 219 33.40 -0.24 -14.42
C VAL A 219 33.35 -1.64 -15.11
N PRO A 220 34.35 -1.97 -15.96
CA PRO A 220 34.51 -3.41 -16.25
C PRO A 220 34.75 -4.34 -15.02
N ASN A 221 34.33 -5.60 -15.16
CA ASN A 221 34.54 -6.56 -14.07
C ASN A 221 36.02 -6.94 -14.16
N ILE A 222 36.75 -6.61 -13.10
CA ILE A 222 38.15 -7.05 -12.97
C ILE A 222 38.05 -8.53 -12.53
N SER A 223 37.58 -8.73 -11.29
CA SER A 223 37.88 -9.85 -10.42
C SER A 223 37.59 -11.19 -11.07
N PRO A 224 37.89 -12.30 -10.37
CA PRO A 224 37.42 -13.54 -11.00
C PRO A 224 35.91 -13.86 -10.67
N PHE A 225 35.19 -12.90 -10.07
CA PHE A 225 33.87 -13.10 -9.47
C PHE A 225 32.78 -12.38 -10.25
N ASP A 226 31.60 -13.00 -10.37
CA ASP A 226 30.51 -12.34 -11.13
C ASP A 226 29.82 -11.23 -10.32
N ARG A 227 29.02 -10.40 -11.00
CA ARG A 227 28.17 -9.43 -10.29
C ARG A 227 26.79 -9.42 -11.06
N GLY A 228 26.10 -10.54 -10.89
CA GLY A 228 24.71 -10.70 -11.34
C GLY A 228 23.77 -9.80 -10.51
N LEU A 229 23.02 -8.96 -11.22
CA LEU A 229 21.95 -8.12 -10.59
C LEU A 229 20.65 -8.37 -11.29
N VAL A 230 19.59 -8.48 -10.49
CA VAL A 230 18.21 -8.46 -11.01
C VAL A 230 17.66 -7.10 -10.72
N LEU A 231 17.39 -6.35 -11.80
CA LEU A 231 16.94 -4.95 -11.68
C LEU A 231 15.47 -4.84 -12.06
N ILE A 232 14.68 -4.54 -11.05
CA ILE A 232 13.23 -4.35 -11.24
C ILE A 232 12.90 -2.86 -11.11
N THR A 233 12.39 -2.27 -12.20
CA THR A 233 12.01 -0.87 -12.21
C THR A 233 10.47 -0.73 -11.97
N TYR A 234 10.14 -0.18 -10.81
CA TYR A 234 8.75 0.14 -10.45
C TYR A 234 8.42 1.54 -10.86
N ASN A 235 7.25 1.69 -11.49
CA ASN A 235 6.78 3.05 -11.80
C ASN A 235 5.43 3.27 -11.06
N SER A 236 5.17 4.51 -10.69
CA SER A 236 3.89 4.98 -10.15
C SER A 236 2.86 4.75 -11.25
N VAL A 237 1.72 4.18 -10.90
CA VAL A 237 0.54 4.00 -11.80
C VAL A 237 0.07 5.37 -12.33
N GLU A 238 0.02 6.37 -11.47
CA GLU A 238 -0.31 7.73 -11.96
C GLU A 238 0.65 8.17 -13.04
N ASN A 239 1.93 7.80 -12.86
CA ASN A 239 3.00 8.08 -13.79
C ASN A 239 3.17 7.15 -14.95
N LYS A 240 2.15 6.37 -15.29
CA LYS A 240 2.17 5.51 -16.46
C LYS A 240 2.62 6.24 -17.76
N THR A 241 3.34 5.49 -18.58
CA THR A 241 4.03 6.01 -19.76
C THR A 241 3.02 6.24 -20.81
N ASP A 242 3.23 7.26 -21.61
CA ASP A 242 2.34 7.53 -22.72
C ASP A 242 2.63 6.57 -23.88
N VAL A 243 1.84 5.50 -23.97
CA VAL A 243 1.96 4.48 -24.99
C VAL A 243 1.87 5.03 -26.44
N THR A 244 1.31 6.22 -26.64
CA THR A 244 1.39 6.92 -27.93
C THR A 244 2.78 7.59 -28.28
N ARG A 245 3.64 7.93 -27.31
CA ARG A 245 5.06 8.26 -27.57
C ARG A 245 5.94 6.98 -27.56
N GLY A 246 5.39 5.82 -27.24
CA GLY A 246 6.18 4.63 -27.03
C GLY A 246 6.78 4.09 -28.29
N THR A 247 8.08 3.81 -28.26
CA THR A 247 8.76 3.19 -29.45
C THR A 247 9.32 1.76 -29.33
N ARG A 248 9.12 1.09 -28.19
CA ARG A 248 9.85 -0.14 -27.84
C ARG A 248 8.94 -1.24 -27.52
N PRO A 249 9.41 -2.50 -27.66
CA PRO A 249 8.54 -3.63 -27.23
C PRO A 249 8.20 -3.63 -25.68
N GLU A 250 7.16 -4.39 -25.38
CA GLU A 250 6.63 -4.60 -24.03
C GLU A 250 7.75 -5.04 -23.08
N TRP A 251 8.75 -5.79 -23.61
CA TRP A 251 9.78 -6.39 -22.75
C TRP A 251 10.86 -5.47 -22.40
N LEU A 252 10.84 -4.28 -22.98
CA LEU A 252 11.60 -3.15 -22.51
C LEU A 252 10.78 -2.04 -21.80
N ALA A 253 9.52 -1.83 -22.20
CA ALA A 253 8.71 -0.76 -21.62
C ALA A 253 7.32 -1.26 -21.46
N ALA A 254 6.89 -1.54 -20.22
CA ALA A 254 5.55 -2.24 -20.08
C ALA A 254 4.41 -1.32 -20.56
N ARG A 255 3.34 -1.93 -21.00
CA ARG A 255 2.09 -1.28 -21.32
C ARG A 255 0.87 -1.69 -20.48
N ASP A 256 1.02 -2.68 -19.63
CA ASP A 256 -0.06 -3.08 -18.77
C ASP A 256 0.18 -2.40 -17.43
N PHE A 257 -0.63 -1.40 -17.14
CA PHE A 257 -0.52 -0.60 -15.94
C PHE A 257 -1.36 -1.01 -14.73
N THR A 258 -1.81 -2.24 -14.72
CA THR A 258 -2.57 -2.80 -13.62
C THR A 258 -1.73 -2.67 -12.37
N PRO A 259 -2.29 -2.11 -11.29
CA PRO A 259 -1.54 -2.05 -10.04
C PRO A 259 -1.20 -3.38 -9.46
N LEU A 260 0.06 -3.52 -9.06
CA LEU A 260 0.45 -4.75 -8.50
C LEU A 260 -0.13 -4.96 -7.09
N THR A 261 -0.37 -6.22 -6.76
CA THR A 261 -0.77 -6.69 -5.47
C THR A 261 0.28 -7.61 -4.89
N ALA A 262 0.38 -7.68 -3.59
CA ALA A 262 1.38 -8.51 -2.95
C ALA A 262 1.05 -9.99 -2.99
N LEU A 263 2.09 -10.77 -3.02
CA LEU A 263 1.96 -12.21 -2.94
C LEU A 263 1.52 -12.60 -1.53
N GLN A 264 0.51 -13.47 -1.46
CA GLN A 264 0.06 -14.07 -0.22
C GLN A 264 0.57 -15.52 -0.11
N ALA A 265 0.57 -16.05 1.09
CA ALA A 265 1.08 -17.38 1.36
C ALA A 265 -0.05 -18.29 0.94
N THR A 266 0.23 -19.26 0.09
CA THR A 266 -0.75 -20.30 -0.30
C THR A 266 -0.08 -21.66 -0.03
N SER A 267 -0.87 -22.68 -0.15
CA SER A 267 -0.44 -24.08 0.06
C SER A 267 0.33 -24.61 -1.13
N PHE A 268 0.45 -23.82 -2.18
CA PHE A 268 1.28 -24.10 -3.32
C PHE A 268 1.64 -22.69 -3.96
N GLN B 1 -4.15 14.73 -15.28
CA GLN B 1 -4.86 14.83 -13.95
C GLN B 1 -4.12 14.09 -12.82
N ILE B 2 -4.25 14.56 -11.57
CA ILE B 2 -3.30 14.20 -10.49
C ILE B 2 -4.04 13.94 -9.19
N MET B 3 -3.80 12.80 -8.53
CA MET B 3 -4.18 12.58 -7.14
C MET B 3 -2.97 13.02 -6.27
N GLU B 4 -3.22 13.60 -5.11
CA GLU B 4 -2.11 13.94 -4.21
C GLU B 4 -1.40 12.64 -3.88
N PRO B 5 -0.07 12.64 -3.87
CA PRO B 5 0.64 11.42 -3.50
C PRO B 5 0.20 10.88 -2.18
N HIS B 6 0.16 9.55 -2.06
CA HIS B 6 -0.34 8.89 -0.89
C HIS B 6 0.35 9.40 0.36
N ASP B 7 -0.46 9.71 1.36
CA ASP B 7 0.02 10.17 2.65
C ASP B 7 -0.25 9.01 3.51
N THR B 8 0.71 8.77 4.38
CA THR B 8 0.57 7.79 5.41
C THR B 8 0.76 8.45 6.78
N LEU B 9 0.50 7.70 7.84
CA LEU B 9 0.73 8.20 9.20
C LEU B 9 2.23 8.29 9.53
N SER B 10 2.62 9.28 10.32
CA SER B 10 3.96 9.34 10.91
C SER B 10 4.17 8.24 11.90
N PRO B 11 5.45 7.94 12.22
CA PRO B 11 5.63 6.91 13.21
C PRO B 11 4.97 7.19 14.55
N ALA B 12 4.95 8.46 14.93
CA ALA B 12 4.24 8.89 16.18
C ALA B 12 2.75 8.64 16.12
N GLN B 13 2.11 9.03 14.99
CA GLN B 13 0.71 8.66 14.81
C GLN B 13 0.48 7.17 14.86
N VAL B 14 1.32 6.37 14.20
CA VAL B 14 1.12 4.91 14.25
C VAL B 14 1.27 4.41 15.71
N ASP B 15 2.25 4.97 16.45
CA ASP B 15 2.50 4.52 17.88
C ASP B 15 1.28 4.84 18.73
N GLU B 16 0.72 6.05 18.56
CA GLU B 16 -0.55 6.40 19.17
C GLU B 16 -1.67 5.46 18.84
N TYR B 17 -1.87 5.16 17.55
CA TYR B 17 -2.89 4.17 17.21
C TYR B 17 -2.69 2.81 17.88
N ARG B 18 -1.47 2.28 17.89
CA ARG B 18 -1.24 0.92 18.47
C ARG B 18 -1.45 1.00 19.99
N LYS B 19 -0.98 2.06 20.60
CA LYS B 19 -1.08 2.22 22.10
C LYS B 19 -2.56 2.42 22.52
N ASN B 20 -3.20 3.46 22.01
CA ASN B 20 -4.62 3.73 22.38
C ASN B 20 -5.64 2.88 21.70
N GLY B 21 -5.28 2.34 20.54
CA GLY B 21 -6.24 1.62 19.73
C GLY B 21 -7.15 2.51 18.85
N PHE B 22 -6.88 3.81 18.76
CA PHE B 22 -7.68 4.75 17.93
C PHE B 22 -6.91 5.99 17.65
N LEU B 23 -7.31 6.69 16.58
CA LEU B 23 -6.60 7.84 16.16
C LEU B 23 -7.46 8.69 15.28
N VAL B 24 -7.47 10.03 15.47
CA VAL B 24 -8.29 10.93 14.70
C VAL B 24 -7.42 11.68 13.76
N GLN B 25 -7.82 11.75 12.50
CA GLN B 25 -7.24 12.72 11.58
C GLN B 25 -8.27 13.74 11.29
N GLU B 26 -7.99 15.02 11.48
CA GLU B 26 -9.00 16.03 11.29
C GLU B 26 -9.11 16.46 9.85
N HIS B 27 -10.31 16.78 9.35
CA HIS B 27 -10.41 17.47 8.02
C HIS B 27 -9.75 16.68 6.85
N VAL B 28 -9.98 15.38 6.80
CA VAL B 28 -9.51 14.55 5.72
C VAL B 28 -10.28 14.93 4.43
N PHE B 29 -11.59 14.94 4.53
CA PHE B 29 -12.50 15.26 3.42
C PHE B 29 -13.01 16.66 3.61
N ASP B 30 -13.18 17.41 2.55
CA ASP B 30 -13.75 18.75 2.62
C ASP B 30 -15.30 18.73 2.61
N GLU B 31 -15.90 19.92 2.71
CA GLU B 31 -17.40 20.00 2.86
C GLU B 31 -18.17 19.49 1.70
N GLU B 32 -17.63 19.75 0.51
CA GLU B 32 -18.26 19.37 -0.73
C GLU B 32 -18.19 17.88 -0.87
N GLU B 33 -17.05 17.28 -0.52
CA GLU B 33 -16.96 15.81 -0.44
C GLU B 33 -17.88 15.23 0.58
N ILE B 34 -17.93 15.82 1.76
CA ILE B 34 -18.84 15.25 2.72
C ILE B 34 -20.24 15.36 2.23
N GLU B 35 -20.56 16.49 1.57
CA GLU B 35 -21.91 16.60 1.08
C GLU B 35 -22.31 15.54 0.04
N LEU B 36 -21.41 15.19 -0.89
CA LEU B 36 -21.63 14.05 -1.76
C LEU B 36 -21.90 12.76 -1.01
N LEU B 37 -21.15 12.50 0.03
CA LEU B 37 -21.37 11.27 0.77
C LEU B 37 -22.65 11.32 1.56
N ARG B 38 -22.94 12.48 2.14
N ARG B 38 -22.98 12.46 2.16
CA ARG B 38 -24.24 12.66 2.81
CA ARG B 38 -24.30 12.52 2.82
C ARG B 38 -25.42 12.33 1.89
C ARG B 38 -25.44 12.24 1.85
N ALA B 39 -25.41 12.87 0.66
CA ALA B 39 -26.49 12.61 -0.31
C ALA B 39 -26.55 11.24 -0.74
N GLU B 40 -25.39 10.57 -0.89
CA GLU B 40 -25.44 9.12 -1.26
C GLU B 40 -25.93 8.29 -0.11
N ALA B 41 -25.55 8.64 1.09
CA ALA B 41 -26.03 7.88 2.21
C ALA B 41 -27.56 8.04 2.30
N ALA B 42 -28.08 9.23 2.05
CA ALA B 42 -29.56 9.42 2.10
C ALA B 42 -30.19 8.50 1.06
N GLN B 43 -29.52 8.30 -0.06
CA GLN B 43 -30.05 7.40 -1.09
C GLN B 43 -30.08 5.95 -0.68
N GLU B 44 -29.01 5.52 0.00
CA GLU B 44 -28.96 4.18 0.51
C GLU B 44 -29.99 3.95 1.63
N PHE B 45 -30.19 4.91 2.52
CA PHE B 45 -31.18 4.70 3.58
C PHE B 45 -32.60 4.55 2.97
N ALA B 46 -32.85 5.20 1.84
CA ALA B 46 -34.13 5.23 1.16
C ALA B 46 -34.30 4.06 0.24
N SER B 47 -33.23 3.42 -0.20
CA SER B 47 -33.36 2.34 -1.15
C SER B 47 -32.76 1.02 -0.70
N GLY B 48 -32.16 0.95 0.49
CA GLY B 48 -31.43 -0.24 0.91
C GLY B 48 -32.22 -1.46 1.37
N GLY B 49 -33.56 -1.33 1.47
CA GLY B 49 -34.42 -2.50 1.74
C GLY B 49 -33.99 -3.23 2.98
N GLU B 50 -33.70 -4.51 2.82
CA GLU B 50 -33.28 -5.38 3.95
C GLU B 50 -31.95 -4.95 4.60
N ARG B 51 -31.19 -4.11 3.91
CA ARG B 51 -29.91 -3.67 4.44
C ARG B 51 -30.04 -2.55 5.42
N VAL B 52 -31.27 -1.99 5.55
CA VAL B 52 -31.50 -0.90 6.48
C VAL B 52 -31.93 -1.42 7.82
N THR B 53 -31.54 -0.67 8.84
CA THR B 53 -31.88 -0.92 10.21
C THR B 53 -32.53 0.36 10.82
N VAL B 54 -33.59 0.18 11.65
CA VAL B 54 -34.33 1.30 12.36
C VAL B 54 -34.22 1.32 13.91
N GLU B 55 -34.12 2.50 14.56
CA GLU B 55 -34.07 2.55 16.06
C GLU B 55 -35.47 2.05 16.58
N GLN B 56 -35.48 1.23 17.65
CA GLN B 56 -36.71 0.55 18.19
C GLN B 56 -37.88 1.44 18.67
N ASN B 57 -37.49 2.54 19.29
CA ASN B 57 -38.46 3.43 19.84
C ASN B 57 -39.31 4.06 18.75
N THR B 58 -39.07 3.72 17.47
CA THR B 58 -39.38 4.61 16.39
C THR B 58 -39.28 4.32 14.88
N GLY B 59 -38.86 3.20 14.24
CA GLY B 59 -38.99 3.61 12.84
C GLY B 59 -37.98 4.56 12.18
N ILE B 60 -37.28 5.35 12.99
CA ILE B 60 -36.17 6.22 12.50
C ILE B 60 -34.99 5.32 12.08
N VAL B 61 -34.23 5.72 11.05
CA VAL B 61 -33.04 4.91 10.58
C VAL B 61 -31.89 4.88 11.62
N ARG B 62 -31.52 3.69 12.04
CA ARG B 62 -30.36 3.51 12.91
C ARG B 62 -29.11 3.34 11.96
N GLY B 63 -29.22 2.51 10.90
CA GLY B 63 -28.05 2.20 10.02
C GLY B 63 -28.31 1.49 8.70
N VAL B 64 -27.34 1.56 7.76
CA VAL B 64 -27.47 0.78 6.47
C VAL B 64 -26.12 0.10 6.19
N HIS B 65 -26.13 -1.09 5.60
CA HIS B 65 -24.97 -2.02 5.60
C HIS B 65 -24.67 -2.46 4.19
N GLY B 66 -23.35 -2.54 3.83
CA GLY B 66 -23.01 -3.12 2.52
C GLY B 66 -22.97 -2.19 1.30
N CYS B 67 -23.01 -0.87 1.51
CA CYS B 67 -23.32 0.10 0.44
C CYS B 67 -22.26 0.13 -0.68
N HIS B 68 -21.03 -0.19 -0.32
CA HIS B 68 -19.92 -0.28 -1.28
C HIS B 68 -20.11 -1.36 -2.37
N LEU B 69 -20.92 -2.35 -2.09
CA LEU B 69 -21.31 -3.33 -3.05
C LEU B 69 -22.44 -2.83 -3.93
N TYR B 70 -23.13 -1.77 -3.57
CA TYR B 70 -24.29 -1.31 -4.36
C TYR B 70 -24.16 0.06 -4.94
N SER B 71 -23.35 0.91 -4.33
CA SER B 71 -23.23 2.29 -4.71
C SER B 71 -21.87 2.42 -5.35
N GLU B 72 -21.85 3.04 -6.48
CA GLU B 72 -20.58 3.33 -7.10
C GLU B 72 -19.72 4.36 -6.39
N VAL B 73 -20.33 5.40 -5.89
CA VAL B 73 -19.67 6.35 -5.03
C VAL B 73 -19.05 5.62 -3.84
N PHE B 74 -19.77 4.74 -3.17
CA PHE B 74 -19.21 4.10 -1.97
C PHE B 74 -18.12 3.07 -2.36
N GLY B 75 -18.29 2.44 -3.53
CA GLY B 75 -17.27 1.54 -4.10
C GLY B 75 -15.96 2.29 -4.36
N ARG B 76 -16.04 3.53 -4.82
N ARG B 76 -16.07 3.53 -4.86
CA ARG B 76 -14.85 4.30 -4.97
CA ARG B 76 -14.92 4.39 -5.04
C ARG B 76 -14.31 4.85 -3.66
C ARG B 76 -14.33 4.82 -3.68
N LEU B 77 -15.16 5.25 -2.74
CA LEU B 77 -14.67 5.72 -1.46
C LEU B 77 -13.71 4.75 -0.76
N VAL B 78 -14.02 3.45 -0.74
CA VAL B 78 -13.19 2.55 -0.03
C VAL B 78 -11.78 2.41 -0.63
N ARG B 79 -11.66 2.84 -1.88
CA ARG B 79 -10.41 2.84 -2.60
C ARG B 79 -9.79 4.20 -2.57
N SER B 80 -10.29 5.12 -1.75
CA SER B 80 -9.80 6.48 -1.85
C SER B 80 -8.33 6.53 -1.42
N PRO B 81 -7.53 7.40 -2.04
CA PRO B 81 -6.14 7.57 -1.61
C PRO B 81 -6.02 8.23 -0.28
N ARG B 82 -7.09 8.80 0.24
CA ARG B 82 -7.05 9.29 1.68
C ARG B 82 -7.16 8.17 2.68
N LEU B 83 -7.67 7.03 2.25
CA LEU B 83 -7.95 5.94 3.16
C LEU B 83 -7.11 4.69 2.94
N LEU B 84 -7.15 4.17 1.74
CA LEU B 84 -6.50 2.89 1.48
C LEU B 84 -5.02 2.78 1.89
N PRO B 85 -4.19 3.79 1.66
CA PRO B 85 -2.75 3.64 2.03
C PRO B 85 -2.55 3.52 3.50
N ILE B 86 -3.40 4.17 4.33
CA ILE B 86 -3.30 4.10 5.75
C ILE B 86 -3.80 2.75 6.27
N ALA B 87 -4.89 2.24 5.70
CA ALA B 87 -5.30 0.90 6.02
C ALA B 87 -4.22 -0.19 5.74
N ARG B 88 -3.59 -0.08 4.58
CA ARG B 88 -2.49 -1.01 4.20
C ARG B 88 -1.30 -0.87 5.16
N GLN B 89 -1.03 0.36 5.52
CA GLN B 89 0.00 0.69 6.45
C GLN B 89 -0.22 0.10 7.81
N LEU B 90 -1.38 0.31 8.39
CA LEU B 90 -1.62 -0.13 9.75
C LEU B 90 -1.83 -1.63 9.81
N LEU B 91 -2.49 -2.23 8.82
CA LEU B 91 -2.62 -3.68 8.76
C LEU B 91 -1.39 -4.46 8.17
N ARG B 92 -0.41 -3.73 7.64
CA ARG B 92 0.82 -4.25 7.08
C ARG B 92 0.54 -5.35 6.07
N ASP B 93 -0.44 -5.09 5.17
CA ASP B 93 -0.87 -6.04 4.15
C ASP B 93 -1.61 -5.31 3.10
N ASP B 94 -1.93 -6.02 2.04
CA ASP B 94 -3.03 -5.61 1.20
C ASP B 94 -4.29 -5.80 2.02
N VAL B 95 -5.31 -5.08 1.64
CA VAL B 95 -6.57 -5.11 2.34
C VAL B 95 -7.77 -5.22 1.46
N TYR B 96 -8.88 -5.56 2.11
CA TYR B 96 -10.21 -5.56 1.49
C TYR B 96 -11.24 -5.11 2.61
N VAL B 97 -12.39 -4.74 2.16
CA VAL B 97 -13.51 -4.33 3.00
C VAL B 97 -14.27 -5.55 3.47
N HIS B 98 -14.22 -5.78 4.77
CA HIS B 98 -14.97 -6.82 5.43
C HIS B 98 -16.42 -6.37 5.61
N GLN B 99 -16.57 -5.13 6.11
CA GLN B 99 -17.86 -4.55 6.44
C GLN B 99 -17.89 -3.06 6.11
N PHE B 100 -19.06 -2.62 5.64
CA PHE B 100 -19.34 -1.25 5.42
C PHE B 100 -20.66 -0.86 6.11
N LYS B 101 -20.67 0.21 6.87
CA LYS B 101 -21.97 0.66 7.40
C LYS B 101 -22.04 2.12 7.62
N ILE B 102 -23.26 2.65 7.48
CA ILE B 102 -23.50 4.07 7.81
C ILE B 102 -24.48 4.06 8.99
N ASN B 103 -24.09 4.72 10.08
CA ASN B 103 -24.86 4.82 11.35
C ASN B 103 -25.23 6.26 11.53
N ALA B 104 -26.49 6.56 11.27
CA ALA B 104 -26.99 7.93 11.39
C ALA B 104 -27.43 7.99 12.81
N LYS B 105 -26.88 8.87 13.60
CA LYS B 105 -27.33 8.91 14.99
C LYS B 105 -28.04 10.22 15.08
N ARG B 106 -29.35 10.20 14.81
CA ARG B 106 -30.13 11.48 14.65
C ARG B 106 -30.21 12.38 15.88
N ALA B 107 -30.30 13.68 15.59
CA ALA B 107 -30.41 14.78 16.53
C ALA B 107 -31.14 14.57 17.89
N PHE B 108 -32.32 14.01 17.94
CA PHE B 108 -32.87 13.97 19.28
C PHE B 108 -33.16 12.57 19.71
N LYS B 109 -33.15 11.65 18.77
CA LYS B 109 -33.54 10.27 19.08
C LYS B 109 -32.62 9.06 18.79
N GLY B 110 -31.32 9.23 18.74
CA GLY B 110 -30.46 8.09 18.45
C GLY B 110 -30.35 7.19 19.65
N GLU B 111 -30.39 5.86 19.54
CA GLU B 111 -30.31 5.15 20.77
C GLU B 111 -28.87 4.68 21.08
N VAL B 112 -28.76 3.81 22.09
CA VAL B 112 -27.47 3.38 22.63
C VAL B 112 -26.75 2.40 21.69
N TRP B 113 -25.41 2.48 21.64
CA TRP B 113 -24.57 1.34 21.25
C TRP B 113 -23.87 0.92 22.52
N GLU B 114 -24.23 -0.24 23.03
CA GLU B 114 -23.71 -0.78 24.29
C GLU B 114 -22.28 -1.22 24.09
N TRP B 115 -21.58 -1.43 25.21
CA TRP B 115 -20.17 -1.69 25.16
C TRP B 115 -19.93 -2.99 24.42
N HIS B 116 -18.95 -2.98 23.50
CA HIS B 116 -18.56 -4.18 22.74
C HIS B 116 -17.22 -3.97 22.00
N GLN B 117 -16.75 -5.11 21.54
CA GLN B 117 -15.58 -5.24 20.69
C GLN B 117 -16.07 -5.77 19.36
N ASP B 118 -15.85 -5.04 18.27
CA ASP B 118 -16.22 -5.56 16.93
C ASP B 118 -15.66 -6.98 16.65
N TYR B 119 -14.39 -7.20 16.95
CA TYR B 119 -13.74 -8.52 16.65
C TYR B 119 -14.51 -9.75 17.14
N THR B 120 -15.08 -9.64 18.36
CA THR B 120 -15.91 -10.70 18.95
C THR B 120 -17.00 -11.12 17.96
N PHE B 121 -17.71 -10.15 17.36
CA PHE B 121 -18.74 -10.50 16.38
C PHE B 121 -18.07 -11.14 15.15
N TRP B 122 -17.02 -10.49 14.66
CA TRP B 122 -16.43 -10.95 13.39
C TRP B 122 -15.77 -12.32 13.53
N HIS B 123 -15.13 -12.55 14.67
CA HIS B 123 -14.56 -13.89 14.93
C HIS B 123 -15.67 -14.96 14.97
N HIS B 124 -16.74 -14.75 15.75
CA HIS B 124 -17.72 -15.84 16.01
C HIS B 124 -18.80 -15.90 14.94
N GLU B 125 -19.29 -14.77 14.46
CA GLU B 125 -20.27 -14.81 13.35
C GLU B 125 -19.64 -15.10 11.97
N ASP B 126 -18.42 -14.57 11.70
CA ASP B 126 -17.92 -14.52 10.32
C ASP B 126 -16.65 -15.32 10.06
N GLY B 127 -16.02 -15.82 11.11
CA GLY B 127 -14.85 -16.61 11.01
C GLY B 127 -13.57 -15.85 10.75
N MET B 128 -13.46 -14.62 11.26
CA MET B 128 -12.26 -13.81 11.14
C MET B 128 -11.26 -14.41 12.15
N PRO B 129 -10.04 -14.82 11.69
CA PRO B 129 -9.23 -15.62 12.58
C PRO B 129 -8.42 -14.85 13.56
N ALA B 130 -8.06 -13.63 13.27
CA ALA B 130 -7.34 -12.79 14.15
C ALA B 130 -7.89 -11.33 14.08
N PRO B 131 -7.57 -10.50 15.06
CA PRO B 131 -8.03 -9.11 15.09
C PRO B 131 -7.17 -8.18 14.19
N ARG B 132 -6.76 -8.62 13.00
CA ARG B 132 -5.90 -7.80 12.12
C ARG B 132 -6.77 -7.06 11.10
N ALA B 133 -7.57 -6.14 11.65
CA ALA B 133 -8.63 -5.42 10.96
C ALA B 133 -8.84 -4.13 11.71
N LEU B 134 -9.37 -3.13 11.02
CA LEU B 134 -9.60 -1.83 11.66
C LEU B 134 -10.82 -1.19 10.98
N SER B 135 -11.36 -0.13 11.58
CA SER B 135 -12.51 0.59 11.03
C SER B 135 -12.09 2.01 10.84
N ALA B 136 -12.48 2.59 9.72
CA ALA B 136 -12.34 3.99 9.50
C ALA B 136 -13.72 4.58 9.51
N ALA B 137 -13.87 5.57 10.37
CA ALA B 137 -15.17 6.22 10.67
C ALA B 137 -15.09 7.62 10.16
N ILE B 138 -15.79 7.87 9.07
CA ILE B 138 -15.83 9.20 8.46
C ILE B 138 -16.93 10.04 9.15
N PHE B 139 -16.57 11.24 9.59
CA PHE B 139 -17.51 12.13 10.28
C PHE B 139 -18.24 12.97 9.26
N LEU B 140 -19.47 12.58 8.96
CA LEU B 140 -20.36 13.39 8.12
C LEU B 140 -20.86 14.64 8.84
N ASP B 141 -20.74 14.65 10.18
CA ASP B 141 -21.07 15.80 11.09
C ASP B 141 -19.96 15.98 12.12
N GLU B 142 -19.80 17.18 12.65
CA GLU B 142 -18.88 17.41 13.76
C GLU B 142 -19.34 16.49 14.86
N VAL B 143 -18.36 15.82 15.46
CA VAL B 143 -18.57 14.90 16.60
C VAL B 143 -18.10 15.70 17.84
N THR B 144 -19.04 15.85 18.77
CA THR B 144 -18.83 16.74 19.98
C THR B 144 -19.07 15.88 21.17
N GLU B 145 -18.98 16.47 22.34
CA GLU B 145 -19.37 15.75 23.58
C GLU B 145 -20.82 15.34 23.60
N PHE B 146 -21.70 16.01 22.86
CA PHE B 146 -23.14 15.95 23.09
C PHE B 146 -23.99 15.18 22.07
N ASN B 147 -23.36 14.78 20.92
CA ASN B 147 -24.10 14.08 19.89
C ASN B 147 -23.79 12.62 19.78
N GLY B 148 -23.45 12.03 20.92
CA GLY B 148 -23.29 10.61 21.06
C GLY B 148 -22.05 10.06 20.42
N PRO B 149 -20.88 10.60 20.76
CA PRO B 149 -19.66 10.16 20.13
C PRO B 149 -19.38 8.71 20.41
N LEU B 150 -18.72 8.00 19.48
CA LEU B 150 -18.06 6.76 19.84
C LEU B 150 -17.08 7.03 20.98
N THR B 151 -17.15 6.17 21.97
CA THR B 151 -16.37 6.28 23.18
C THR B 151 -15.64 5.02 23.43
N PHE B 152 -14.38 5.16 23.76
CA PHE B 152 -13.47 3.99 23.87
C PHE B 152 -12.85 3.81 25.26
N VAL B 153 -12.38 2.61 25.51
CA VAL B 153 -11.39 2.33 26.54
C VAL B 153 -10.02 2.36 25.87
N PRO B 154 -9.24 3.40 26.12
CA PRO B 154 -7.97 3.49 25.47
C PRO B 154 -7.06 2.40 25.97
N GLY B 155 -6.49 1.65 25.02
CA GLY B 155 -5.66 0.54 25.34
C GLY B 155 -6.39 -0.75 25.63
N GLY B 156 -7.71 -0.76 25.59
CA GLY B 156 -8.46 -1.97 25.88
C GLY B 156 -8.51 -3.09 24.86
N HIS B 157 -7.89 -2.83 23.70
CA HIS B 157 -7.67 -3.80 22.63
C HIS B 157 -6.57 -4.82 22.93
N GLY B 158 -5.65 -4.46 23.82
CA GLY B 158 -4.41 -5.21 24.02
C GLY B 158 -4.46 -6.30 25.09
N SER B 159 -5.62 -6.49 25.73
CA SER B 159 -5.84 -7.62 26.63
C SER B 159 -6.73 -8.61 25.88
N GLY B 160 -6.50 -8.77 24.58
CA GLY B 160 -7.29 -9.61 23.73
C GLY B 160 -8.81 -9.41 23.77
N MET B 161 -9.46 -10.36 23.12
CA MET B 161 -10.92 -10.48 23.09
C MET B 161 -11.46 -10.81 24.49
N ILE B 162 -12.28 -9.89 25.02
CA ILE B 162 -12.98 -10.02 26.29
C ILE B 162 -14.19 -10.96 26.06
N ASP B 163 -14.59 -11.70 27.10
CA ASP B 163 -15.67 -12.70 26.98
C ASP B 163 -17.04 -12.03 27.30
N ALA B 164 -18.05 -12.45 26.55
CA ALA B 164 -19.32 -11.74 26.42
C ALA B 164 -20.46 -12.75 26.45
N ASP B 165 -21.63 -12.29 26.88
CA ASP B 165 -22.81 -13.14 26.93
C ASP B 165 -23.47 -13.14 25.55
N VAL B 166 -23.57 -14.34 24.96
CA VAL B 166 -24.34 -14.56 23.72
C VAL B 166 -25.85 -14.46 24.03
N LYS B 167 -26.63 -13.85 23.14
CA LYS B 167 -28.10 -13.80 23.26
C LYS B 167 -28.80 -14.25 21.96
N GLY B 168 -29.14 -15.54 21.87
CA GLY B 168 -29.96 -16.08 20.76
C GLY B 168 -29.20 -16.69 19.61
N GLU B 169 -29.95 -17.25 18.64
CA GLU B 169 -29.42 -17.88 17.40
C GLU B 169 -29.42 -16.85 16.24
N GLY B 170 -28.54 -17.01 15.26
CA GLY B 170 -28.45 -16.04 14.14
C GLY B 170 -27.98 -14.64 14.54
N TRP B 171 -28.34 -13.63 13.74
CA TRP B 171 -27.59 -12.36 13.73
C TRP B 171 -28.31 -11.02 13.74
N ALA B 172 -29.65 -10.97 13.60
CA ALA B 172 -30.38 -9.67 13.50
C ALA B 172 -30.05 -8.71 14.67
N ASN B 173 -29.92 -9.29 15.88
CA ASN B 173 -29.48 -8.59 17.13
C ASN B 173 -27.95 -8.20 17.30
N THR B 174 -27.17 -8.36 16.21
CA THR B 174 -25.79 -7.80 16.03
C THR B 174 -25.77 -6.26 15.73
N LEU B 175 -26.90 -5.75 15.25
CA LEU B 175 -27.09 -4.36 14.77
C LEU B 175 -28.03 -3.52 15.69
N THR B 176 -28.45 -4.06 16.82
CA THR B 176 -29.45 -3.38 17.67
C THR B 176 -28.84 -2.72 18.91
N ALA B 177 -29.62 -1.81 19.51
CA ALA B 177 -29.34 -1.27 20.86
C ALA B 177 -29.13 -2.44 21.81
N SER B 178 -29.86 -3.54 21.59
CA SER B 178 -29.64 -4.83 22.26
C SER B 178 -28.60 -5.72 21.54
N LEU B 179 -27.31 -5.61 21.90
CA LEU B 179 -26.25 -6.42 21.26
C LEU B 179 -26.23 -7.90 21.73
N LYS B 180 -26.13 -8.79 20.77
CA LYS B 180 -25.81 -10.20 21.03
C LYS B 180 -24.62 -10.43 21.97
N TYR B 181 -23.50 -9.74 21.74
CA TYR B 181 -22.30 -9.89 22.61
C TYR B 181 -22.01 -8.60 23.34
N SER B 182 -22.44 -8.51 24.58
CA SER B 182 -22.14 -7.33 25.37
C SER B 182 -21.31 -7.77 26.56
N LEU B 183 -20.64 -6.81 27.18
CA LEU B 183 -19.56 -7.12 28.09
C LEU B 183 -19.89 -7.26 29.61
N ASP B 184 -19.22 -8.25 30.23
CA ASP B 184 -19.28 -8.52 31.69
C ASP B 184 -18.96 -7.24 32.45
N VAL B 185 -20.02 -6.70 33.06
CA VAL B 185 -20.01 -5.44 33.81
C VAL B 185 -18.85 -5.34 34.80
N GLU B 186 -18.49 -6.47 35.40
CA GLU B 186 -17.34 -6.56 36.33
C GLU B 186 -16.01 -6.44 35.59
N THR B 187 -15.90 -6.96 34.37
CA THR B 187 -14.67 -6.76 33.54
C THR B 187 -14.65 -5.34 32.90
N MET B 188 -15.79 -4.83 32.42
CA MET B 188 -15.90 -3.39 32.01
C MET B 188 -15.28 -2.47 33.04
N ARG B 189 -15.82 -2.55 34.28
CA ARG B 189 -15.35 -1.76 35.43
C ARG B 189 -13.86 -1.91 35.66
N GLY B 190 -13.39 -3.15 35.57
CA GLY B 190 -11.94 -3.39 35.63
C GLY B 190 -11.16 -2.60 34.56
N LEU B 191 -11.55 -2.82 33.29
CA LEU B 191 -10.93 -2.15 32.10
C LEU B 191 -10.88 -0.68 32.35
N ILE B 192 -12.04 -0.16 32.72
CA ILE B 192 -12.19 1.29 32.92
C ILE B 192 -11.44 1.77 34.16
N GLU B 193 -11.49 1.03 35.28
CA GLU B 193 -10.72 1.46 36.46
C GLU B 193 -9.24 1.60 36.10
N ARG B 194 -8.66 0.65 35.35
CA ARG B 194 -7.23 0.81 34.98
C ARG B 194 -6.94 1.68 33.72
N ASN B 195 -7.87 1.77 32.78
CA ASN B 195 -7.57 2.49 31.51
C ASN B 195 -8.25 3.82 31.24
N GLY B 196 -9.43 4.02 31.83
CA GLY B 196 -10.20 5.25 31.62
C GLY B 196 -11.08 5.08 30.37
N MET B 197 -11.62 6.19 29.90
CA MET B 197 -12.61 6.24 28.79
C MET B 197 -12.34 7.51 28.04
N VAL B 198 -12.44 7.50 26.71
CA VAL B 198 -12.19 8.71 25.87
C VAL B 198 -13.18 8.70 24.73
N ALA B 199 -13.71 9.89 24.41
CA ALA B 199 -14.69 10.05 23.29
C ALA B 199 -14.02 11.05 22.38
N PRO B 200 -13.30 10.53 21.35
CA PRO B 200 -12.55 11.46 20.49
C PRO B 200 -13.47 12.46 19.78
N LYS B 201 -13.07 13.69 19.62
CA LYS B 201 -13.92 14.64 18.95
C LYS B 201 -13.28 15.03 17.65
N GLY B 202 -14.08 15.63 16.75
CA GLY B 202 -13.47 16.30 15.60
C GLY B 202 -14.50 16.91 14.66
N PRO B 203 -14.01 17.75 13.79
CA PRO B 203 -14.89 18.40 12.81
C PRO B 203 -15.38 17.44 11.72
N ARG B 204 -16.40 17.91 11.01
CA ARG B 204 -16.97 17.22 9.85
C ARG B 204 -15.81 16.96 8.86
N GLY B 205 -15.79 15.78 8.28
CA GLY B 205 -14.68 15.44 7.39
C GLY B 205 -13.49 14.72 8.01
N SER B 206 -13.43 14.62 9.34
CA SER B 206 -12.42 13.92 9.97
C SER B 206 -12.60 12.38 9.74
N VAL B 207 -11.54 11.62 10.04
CA VAL B 207 -11.62 10.17 10.07
C VAL B 207 -11.10 9.67 11.40
N LEU B 208 -11.87 8.80 12.02
CA LEU B 208 -11.48 8.17 13.27
C LEU B 208 -11.16 6.72 12.95
N TRP B 209 -9.88 6.37 13.06
CA TRP B 209 -9.42 4.99 12.76
C TRP B 209 -9.48 4.27 14.14
N PHE B 210 -10.07 3.09 14.17
CA PHE B 210 -10.05 2.34 15.40
C PHE B 210 -9.88 0.81 15.23
N ASP B 211 -9.16 0.20 16.16
CA ASP B 211 -8.83 -1.23 16.14
C ASP B 211 -10.00 -2.11 16.17
N ALA B 212 -9.99 -3.24 15.44
CA ALA B 212 -11.12 -4.18 15.55
C ALA B 212 -11.48 -4.66 16.96
N ASN B 213 -10.51 -4.68 17.87
CA ASN B 213 -10.75 -5.19 19.25
C ASN B 213 -10.91 -4.13 20.37
N ILE B 214 -11.10 -2.88 19.99
CA ILE B 214 -11.15 -1.82 21.00
C ILE B 214 -12.54 -1.77 21.55
N PRO B 215 -12.68 -1.92 22.91
CA PRO B 215 -14.01 -1.76 23.48
C PRO B 215 -14.58 -0.38 23.14
N HIS B 216 -15.81 -0.33 22.67
CA HIS B 216 -16.37 0.98 22.43
C HIS B 216 -17.87 0.99 22.60
N SER B 217 -18.36 2.22 22.72
CA SER B 217 -19.77 2.45 23.05
C SER B 217 -20.16 3.85 22.58
N SER B 218 -21.45 4.14 22.60
CA SER B 218 -21.91 5.49 22.44
C SER B 218 -23.26 5.78 23.10
N VAL B 219 -23.42 6.99 23.58
CA VAL B 219 -24.65 7.33 24.30
C VAL B 219 -25.68 7.86 23.34
N PRO B 220 -26.92 8.02 23.81
CA PRO B 220 -27.83 8.73 22.92
C PRO B 220 -27.49 10.20 22.65
N ASN B 221 -27.97 10.67 21.52
CA ASN B 221 -27.73 12.01 21.08
C ASN B 221 -29.02 12.77 21.45
N ILE B 222 -28.87 13.69 22.38
CA ILE B 222 -29.98 14.57 22.78
C ILE B 222 -29.61 16.00 22.39
N SER B 223 -28.60 16.17 21.51
CA SER B 223 -28.35 17.49 20.90
C SER B 223 -29.36 17.74 19.75
N PRO B 224 -29.41 18.96 19.19
CA PRO B 224 -30.19 19.18 17.95
C PRO B 224 -29.34 18.96 16.70
N PHE B 225 -28.44 18.00 16.72
CA PHE B 225 -27.41 17.84 15.69
C PHE B 225 -27.22 16.36 15.45
N ASP B 226 -27.28 15.98 14.17
CA ASP B 226 -27.00 14.63 13.73
C ASP B 226 -25.51 14.22 13.95
N ARG B 227 -25.29 12.93 14.11
CA ARG B 227 -23.95 12.36 14.11
C ARG B 227 -23.86 11.19 13.11
N GLY B 228 -23.79 11.52 11.81
CA GLY B 228 -23.76 10.47 10.74
C GLY B 228 -22.30 10.06 10.63
N LEU B 229 -22.07 8.77 10.75
CA LEU B 229 -20.75 8.17 10.55
C LEU B 229 -20.78 7.16 9.38
N VAL B 230 -19.78 7.22 8.50
CA VAL B 230 -19.61 6.15 7.47
C VAL B 230 -18.44 5.34 7.98
N LEU B 231 -18.69 4.10 8.30
CA LEU B 231 -17.74 3.17 8.91
C LEU B 231 -17.32 2.11 7.92
N ILE B 232 -16.07 2.22 7.55
CA ILE B 232 -15.45 1.21 6.63
C ILE B 232 -14.51 0.30 7.39
N THR B 233 -14.85 -0.99 7.47
CA THR B 233 -13.98 -1.94 8.11
C THR B 233 -12.98 -2.62 7.14
N TYR B 234 -11.71 -2.23 7.23
CA TYR B 234 -10.67 -2.93 6.39
C TYR B 234 -10.08 -4.12 7.15
N ASN B 235 -9.98 -5.26 6.47
CA ASN B 235 -9.30 -6.42 6.97
C ASN B 235 -8.09 -6.75 6.04
N SER B 236 -7.03 -7.21 6.65
CA SER B 236 -5.88 -7.76 5.97
C SER B 236 -6.34 -8.96 5.10
N VAL B 237 -5.81 -9.05 3.89
CA VAL B 237 -6.07 -10.12 2.97
C VAL B 237 -5.55 -11.44 3.51
N GLU B 238 -4.36 -11.43 4.11
CA GLU B 238 -3.88 -12.65 4.81
C GLU B 238 -4.93 -13.14 5.82
N ASN B 239 -5.52 -12.19 6.56
CA ASN B 239 -6.55 -12.41 7.56
C ASN B 239 -7.97 -12.56 7.06
N LYS B 240 -8.11 -12.94 5.81
CA LYS B 240 -9.42 -13.14 5.22
C LYS B 240 -10.29 -14.08 6.09
N THR B 241 -11.62 -13.89 6.08
CA THR B 241 -12.49 -14.67 6.94
C THR B 241 -12.66 -16.06 6.33
N ASP B 242 -12.90 -17.02 7.22
CA ASP B 242 -13.06 -18.42 6.86
C ASP B 242 -14.53 -18.51 6.49
N VAL B 243 -14.75 -18.48 5.20
CA VAL B 243 -16.07 -18.28 4.66
C VAL B 243 -16.90 -19.57 4.89
N THR B 244 -16.24 -20.65 5.34
CA THR B 244 -16.87 -21.93 5.73
C THR B 244 -17.55 -21.91 7.15
N ARG B 245 -17.08 -21.08 8.09
CA ARG B 245 -17.78 -20.76 9.36
C ARG B 245 -18.59 -19.45 9.27
N GLY B 246 -19.00 -19.03 8.09
CA GLY B 246 -19.68 -17.77 7.93
C GLY B 246 -21.18 -17.95 8.00
N THR B 247 -21.81 -17.20 8.91
CA THR B 247 -23.25 -17.26 9.15
C THR B 247 -24.08 -16.10 8.50
N ARG B 248 -23.46 -15.02 8.00
CA ARG B 248 -24.20 -13.81 7.57
C ARG B 248 -24.11 -13.52 6.05
N PRO B 249 -25.07 -12.73 5.51
CA PRO B 249 -24.88 -12.35 4.08
C PRO B 249 -23.65 -11.40 3.79
N GLU B 250 -23.39 -11.28 2.51
CA GLU B 250 -22.32 -10.48 1.89
C GLU B 250 -22.26 -9.05 2.39
N TRP B 251 -23.43 -8.51 2.73
CA TRP B 251 -23.52 -7.09 3.01
C TRP B 251 -23.33 -6.84 4.43
N LEU B 252 -23.15 -7.90 5.21
CA LEU B 252 -22.53 -7.76 6.53
C LEU B 252 -21.06 -8.25 6.66
N ALA B 253 -20.74 -9.25 5.88
CA ALA B 253 -19.43 -9.90 5.93
C ALA B 253 -19.03 -10.30 4.50
N ALA B 254 -18.07 -9.57 3.92
CA ALA B 254 -17.63 -9.78 2.53
C ALA B 254 -16.99 -11.15 2.31
N ARG B 255 -17.18 -11.69 1.10
CA ARG B 255 -16.65 -12.93 0.61
C ARG B 255 -15.64 -12.70 -0.54
N ASP B 256 -15.53 -11.50 -1.12
CA ASP B 256 -14.63 -11.28 -2.25
C ASP B 256 -13.39 -10.63 -1.64
N PHE B 257 -12.27 -11.36 -1.62
CA PHE B 257 -11.07 -10.93 -0.94
C PHE B 257 -10.00 -10.38 -1.85
N THR B 258 -10.40 -9.96 -3.00
CA THR B 258 -9.54 -9.30 -3.92
C THR B 258 -8.90 -8.06 -3.28
N PRO B 259 -7.58 -7.95 -3.35
CA PRO B 259 -6.96 -6.79 -2.81
C PRO B 259 -7.41 -5.52 -3.45
N LEU B 260 -7.74 -4.53 -2.62
CA LEU B 260 -8.08 -3.25 -3.16
C LEU B 260 -6.84 -2.46 -3.73
N THR B 261 -7.07 -1.72 -4.81
CA THR B 261 -6.18 -0.80 -5.38
C THR B 261 -6.74 0.61 -5.27
N ALA B 262 -5.83 1.55 -5.27
CA ALA B 262 -6.20 2.95 -5.11
C ALA B 262 -6.85 3.55 -6.32
N LEU B 263 -7.77 4.46 -6.06
CA LEU B 263 -8.42 5.21 -7.13
C LEU B 263 -7.35 6.16 -7.72
N GLN B 264 -7.28 6.21 -9.03
CA GLN B 264 -6.49 7.19 -9.78
C GLN B 264 -7.37 8.31 -10.31
N ALA B 265 -6.77 9.40 -10.70
CA ALA B 265 -7.46 10.57 -11.25
C ALA B 265 -7.69 10.39 -12.71
N THR B 266 -8.92 10.23 -13.13
CA THR B 266 -9.29 10.11 -14.55
C THR B 266 -10.13 11.32 -14.99
N SER B 267 -10.41 11.37 -16.29
CA SER B 267 -11.13 12.47 -16.94
C SER B 267 -12.61 12.38 -16.73
N PHE B 268 -13.01 11.29 -16.11
CA PHE B 268 -14.34 11.08 -15.63
C PHE B 268 -14.28 9.99 -14.44
N PRO C . 19.25 0.60 -20.50
CA PRO C . 17.88 0.83 -20.03
C PRO C . 16.89 1.35 -21.09
O PRO C . 15.81 1.72 -20.75
CB PRO C . 18.04 1.86 -18.89
CG PRO C . 19.34 2.52 -19.19
CD PRO C . 20.22 1.44 -19.78
OXT PRO C . 17.06 1.37 -22.30
C1 SIN D . 21.38 0.04 -15.79
O1 SIN D . 20.55 0.95 -15.50
O2 SIN D . 21.54 -0.43 -16.97
C2 SIN D . 22.24 -0.52 -14.65
C3 SIN D . 23.71 -0.63 -15.07
C4 SIN D . 24.39 -1.93 -14.60
O3 SIN D . 23.77 -3.02 -14.54
O4 SIN D . 25.59 -1.87 -14.24
N PRO E . -22.20 -4.47 14.74
CA PRO E . -21.10 -4.96 13.88
C PRO E . -21.34 -6.39 13.39
O PRO E . -22.35 -6.99 13.66
CB PRO E . -19.85 -4.86 14.77
CG PRO E . -20.36 -4.71 16.18
CD PRO E . -21.74 -4.11 16.09
OXT PRO E . -20.59 -6.98 12.65
C1 SIN F . -21.17 2.91 17.37
O1 SIN F . -21.64 4.08 17.50
O2 SIN F . -20.82 2.11 18.30
C2 SIN F . -21.08 2.41 15.96
C3 SIN F . -20.09 1.28 15.67
C4 SIN F . -20.85 -0.04 15.56
O3 SIN F . -22.09 -0.06 15.30
O4 SIN F . -20.24 -1.13 15.73
O O G . -19.04 -1.28 17.16
#